data_6NF1
#
_entry.id   6NF1
#
_cell.length_a   67.134
_cell.length_b   57.742
_cell.length_c   89.419
_cell.angle_alpha   90.000
_cell.angle_beta   103.060
_cell.angle_gamma   90.000
#
_symmetry.space_group_name_H-M   'P 1 21 1'
#
loop_
_entity.id
_entity.type
_entity.pdbx_description
1 polymer 'Proto-oncogene vav'
2 non-polymer (2S)-3-[(3S)-1-(ethylsulfonyl)piperidin-3-yl]-2-{[3-(4-methylphenyl)imidazo[1,2-a]pyrazin-8-yl]amino}propan-1-ol
3 non-polymer '2-(N-MORPHOLINO)-ETHANESULFONIC ACID'
4 non-polymer 'ZINC ION'
5 water water
#
_entity_poly.entity_id   1
_entity_poly.type   'polypeptide(L)'
_entity_poly.pdbx_seq_one_letter_code
;GSGSELWRQCTHWLIQCRVLPPSHRVTWDGAQVCELAQALRDGVLLCQLLNNLLPHAINLREVNLRPQMSQFLCLKNIRT
FLSTCCEKFGLKRSELFEAFDLFDVQDFGKVIYTLSALSWTPIAQNRGIMPFPTEEESVGDEDIYSGLSDQIDDTVEEDE
DLYDCVENEEAEGDEIYEDLMRSEPVSMPPKMTEYDKRCCCLREIQQTEEKYTDTLGSIQQHFLKPLQRFLKPQDIEIIF
INIEDLLRVHTHFLKEMKEALGTPGAANLYQVFIKYKERFLVYGRYCSQVESASKHLDRVAAAREDVQMKLEECSQRANN
GRFTLRDLLMVPMQRVLKYHLLLQELVKHTQEAMEKENLRLALDAMRDLAQCVNEVKRDNETLRQITNFQLSIENLDQSL
AHYGRPKIDGELKITSVERRSKMDRYAFLLDKALLICKRRGDSYDLKDFVNLHSFQVRDDSSGDRDNKKWSHMFLLIEDQ
GAQGYELFFKTRELKKKWMEQFEMAISNIYPENATANGHDFQMFSFEETTSCKACQMLLRGTFYQGYRCHRCRASAHKEC
LGRVPPCGRHGQDFPGTM
;
_entity_poly.pdbx_strand_id   A
#
loop_
_chem_comp.id
_chem_comp.type
_chem_comp.name
_chem_comp.formula
9JY non-polymer (2S)-3-[(3S)-1-(ethylsulfonyl)piperidin-3-yl]-2-{[3-(4-methylphenyl)imidazo[1,2-a]pyrazin-8-yl]amino}propan-1-ol 'C23 H31 N5 O3 S'
MES non-polymer '2-(N-MORPHOLINO)-ETHANESULFONIC ACID' 'C6 H13 N O4 S'
ZN non-polymer 'ZINC ION' 'Zn 2'
#
# COMPACT_ATOMS: atom_id res chain seq x y z
N GLY A 3 -20.31 2.57 34.13
CA GLY A 3 -20.77 1.30 34.70
C GLY A 3 -20.91 0.18 33.69
N SER A 4 -20.48 0.44 32.44
CA SER A 4 -20.49 -0.49 31.32
C SER A 4 -19.14 -1.26 31.32
N GLU A 5 -19.10 -2.50 30.75
CA GLU A 5 -17.85 -3.29 30.72
C GLU A 5 -16.72 -2.47 30.06
N LEU A 6 -15.53 -2.49 30.68
CA LEU A 6 -14.35 -1.69 30.35
C LEU A 6 -13.95 -1.68 28.85
N TRP A 7 -14.12 -2.82 28.12
CA TRP A 7 -13.83 -2.88 26.68
C TRP A 7 -14.83 -2.05 25.86
N ARG A 8 -16.08 -1.91 26.36
CA ARG A 8 -17.14 -1.12 25.73
C ARG A 8 -16.81 0.37 25.91
N GLN A 9 -16.15 0.68 27.04
CA GLN A 9 -15.74 2.05 27.36
C GLN A 9 -14.61 2.40 26.42
N CYS A 10 -13.66 1.45 26.24
CA CYS A 10 -12.52 1.58 25.32
C CYS A 10 -13.01 1.87 23.92
N THR A 11 -13.97 1.06 23.42
CA THR A 11 -14.60 1.25 22.10
C THR A 11 -15.11 2.69 21.94
N HIS A 12 -15.88 3.18 22.94
CA HIS A 12 -16.45 4.53 22.96
C HIS A 12 -15.38 5.61 22.96
N TRP A 13 -14.28 5.40 23.70
CA TRP A 13 -13.14 6.30 23.70
C TRP A 13 -12.50 6.27 22.32
N LEU A 14 -12.36 5.06 21.71
CA LEU A 14 -11.78 4.92 20.36
C LEU A 14 -12.60 5.63 19.30
N ILE A 15 -13.96 5.57 19.38
CA ILE A 15 -14.91 6.26 18.49
C ILE A 15 -14.70 7.77 18.62
N GLN A 16 -14.49 8.25 19.85
CA GLN A 16 -14.26 9.67 20.17
C GLN A 16 -12.92 10.17 19.61
N CYS A 17 -11.87 9.33 19.64
CA CYS A 17 -10.54 9.66 19.10
C CYS A 17 -10.51 9.54 17.59
N ARG A 18 -11.67 9.25 16.97
CA ARG A 18 -11.89 9.15 15.52
C ARG A 18 -10.99 8.07 14.94
N VAL A 19 -10.99 6.91 15.62
CA VAL A 19 -10.16 5.75 15.28
C VAL A 19 -11.04 4.69 14.66
N LEU A 20 -12.26 4.52 15.22
CA LEU A 20 -13.24 3.55 14.76
C LEU A 20 -14.42 4.20 14.10
N PRO A 21 -14.89 3.73 12.94
CA PRO A 21 -16.10 4.34 12.35
C PRO A 21 -17.32 4.11 13.28
N PRO A 22 -18.15 5.13 13.56
CA PRO A 22 -19.31 4.92 14.44
C PRO A 22 -20.32 3.85 13.98
N SER A 23 -20.28 3.49 12.68
CA SER A 23 -21.13 2.48 12.05
C SER A 23 -20.51 1.08 12.12
N HIS A 24 -19.36 0.95 12.78
CA HIS A 24 -18.66 -0.33 12.88
C HIS A 24 -19.36 -1.29 13.83
N ARG A 25 -19.36 -2.58 13.46
CA ARG A 25 -19.97 -3.68 14.24
C ARG A 25 -19.51 -3.72 15.71
N VAL A 26 -18.27 -3.28 16.00
CA VAL A 26 -17.70 -3.23 17.37
C VAL A 26 -18.53 -2.35 18.32
N THR A 27 -19.15 -1.30 17.75
CA THR A 27 -19.96 -0.28 18.43
C THR A 27 -21.30 -0.85 18.89
N TRP A 28 -21.89 -1.71 18.06
CA TRP A 28 -23.22 -2.27 18.25
C TRP A 28 -23.42 -3.00 19.55
N ASP A 29 -24.68 -3.01 20.03
CA ASP A 29 -25.07 -3.80 21.20
C ASP A 29 -24.96 -5.26 20.75
N GLY A 30 -24.46 -6.11 21.62
CA GLY A 30 -24.31 -7.51 21.26
C GLY A 30 -22.95 -7.88 20.73
N ALA A 31 -22.12 -6.89 20.37
CA ALA A 31 -20.74 -7.09 19.92
C ALA A 31 -20.01 -7.81 21.03
N GLN A 32 -19.08 -8.66 20.65
CA GLN A 32 -18.29 -9.42 21.62
C GLN A 32 -16.92 -8.79 21.74
N VAL A 33 -16.23 -9.01 22.87
CA VAL A 33 -14.89 -8.41 23.06
C VAL A 33 -13.91 -8.83 21.92
N CYS A 34 -14.07 -10.06 21.36
N CYS A 34 -14.07 -10.05 21.37
CA CYS A 34 -13.25 -10.58 20.25
CA CYS A 34 -13.23 -10.52 20.27
C CYS A 34 -13.24 -9.65 19.03
C CYS A 34 -13.21 -9.58 19.08
N GLU A 35 -14.34 -8.91 18.79
CA GLU A 35 -14.44 -7.98 17.69
C GLU A 35 -13.54 -6.77 17.89
N LEU A 36 -13.33 -6.34 19.13
CA LEU A 36 -12.39 -5.22 19.42
C LEU A 36 -10.94 -5.70 19.21
N ALA A 37 -10.63 -6.96 19.58
CA ALA A 37 -9.34 -7.61 19.43
C ALA A 37 -8.99 -7.76 17.93
N GLN A 38 -9.97 -8.22 17.10
CA GLN A 38 -9.81 -8.35 15.65
C GLN A 38 -9.56 -6.98 14.99
N ALA A 39 -10.21 -5.94 15.50
CA ALA A 39 -10.09 -4.57 14.96
C ALA A 39 -8.77 -3.91 15.34
N LEU A 40 -8.18 -4.30 16.47
CA LEU A 40 -6.93 -3.68 16.88
C LEU A 40 -5.69 -4.53 16.58
N ARG A 41 -5.91 -5.84 16.33
CA ARG A 41 -4.89 -6.87 16.09
C ARG A 41 -3.69 -6.47 15.23
N ASP A 42 -3.93 -5.82 14.06
CA ASP A 42 -2.84 -5.50 13.14
C ASP A 42 -2.08 -4.21 13.40
N GLY A 43 -2.43 -3.53 14.48
CA GLY A 43 -1.76 -2.32 14.97
C GLY A 43 -1.98 -1.06 14.15
N VAL A 44 -2.71 -1.13 13.02
CA VAL A 44 -2.97 0.04 12.17
C VAL A 44 -3.79 1.07 12.94
N LEU A 45 -5.01 0.72 13.45
CA LEU A 45 -5.82 1.69 14.22
C LEU A 45 -5.08 2.25 15.42
N LEU A 46 -4.32 1.42 16.16
CA LEU A 46 -3.56 1.89 17.31
C LEU A 46 -2.57 2.98 16.95
N CYS A 47 -1.91 2.81 15.80
CA CYS A 47 -0.96 3.79 15.28
C CYS A 47 -1.65 5.10 14.91
N GLN A 48 -2.83 5.03 14.25
CA GLN A 48 -3.66 6.17 13.85
C GLN A 48 -4.15 6.90 15.11
N LEU A 49 -4.55 6.15 16.13
CA LEU A 49 -4.94 6.67 17.42
C LEU A 49 -3.88 7.66 17.98
N LEU A 50 -2.57 7.28 17.97
CA LEU A 50 -1.50 8.15 18.47
C LEU A 50 -1.33 9.40 17.62
N ASN A 51 -1.56 9.27 16.29
CA ASN A 51 -1.48 10.39 15.35
C ASN A 51 -2.61 11.37 15.55
N ASN A 52 -3.79 10.86 15.98
CA ASN A 52 -4.98 11.67 16.21
C ASN A 52 -4.87 12.47 17.48
N LEU A 53 -4.08 11.97 18.45
CA LEU A 53 -3.81 12.62 19.73
C LEU A 53 -2.60 13.55 19.64
N LEU A 54 -1.58 13.15 18.89
CA LEU A 54 -0.37 13.94 18.77
C LEU A 54 0.03 14.05 17.32
N PRO A 55 0.04 15.27 16.74
CA PRO A 55 0.43 15.41 15.33
C PRO A 55 1.84 14.89 15.10
N HIS A 56 1.99 14.00 14.10
CA HIS A 56 3.27 13.39 13.68
C HIS A 56 3.95 12.62 14.81
N ALA A 57 3.16 11.83 15.55
CA ALA A 57 3.65 10.96 16.61
C ALA A 57 4.36 9.80 15.88
N ILE A 58 3.78 9.41 14.74
CA ILE A 58 4.28 8.34 13.88
C ILE A 58 4.26 8.79 12.42
N ASN A 59 5.38 8.57 11.73
CA ASN A 59 5.52 8.86 10.31
C ASN A 59 4.80 7.71 9.59
N LEU A 60 3.92 8.03 8.63
CA LEU A 60 3.18 7.02 7.90
C LEU A 60 4.07 5.97 7.20
N ARG A 61 5.27 6.39 6.77
CA ARG A 61 6.26 5.51 6.14
C ARG A 61 6.75 4.42 7.12
N GLU A 62 6.49 4.57 8.42
CA GLU A 62 6.87 3.62 9.46
C GLU A 62 5.73 2.62 9.80
N VAL A 63 4.50 2.90 9.31
CA VAL A 63 3.33 2.05 9.52
C VAL A 63 3.08 1.19 8.27
N ASN A 64 2.73 -0.09 8.48
CA ASN A 64 2.32 -0.98 7.41
C ASN A 64 0.80 -0.84 7.37
N LEU A 65 0.30 -0.02 6.44
CA LEU A 65 -1.11 0.36 6.34
C LEU A 65 -2.05 -0.77 5.98
N ARG A 66 -1.58 -1.80 5.27
CA ARG A 66 -2.44 -2.96 5.01
C ARG A 66 -1.65 -4.26 5.27
N PRO A 67 -1.47 -4.69 6.54
CA PRO A 67 -0.68 -5.90 6.84
C PRO A 67 -1.54 -7.16 6.95
N GLN A 68 -2.46 -7.33 6.00
CA GLN A 68 -3.50 -8.36 5.92
C GLN A 68 -3.10 -9.75 6.44
N MET A 69 -2.21 -10.44 5.72
CA MET A 69 -1.79 -11.80 6.08
C MET A 69 -0.40 -11.85 6.69
N SER A 70 0.13 -10.71 7.13
CA SER A 70 1.47 -10.72 7.63
C SER A 70 1.56 -10.46 9.09
N GLN A 71 1.89 -11.51 9.86
CA GLN A 71 2.11 -11.39 11.30
C GLN A 71 3.31 -10.45 11.48
N PHE A 72 4.32 -10.58 10.58
CA PHE A 72 5.53 -9.75 10.55
C PHE A 72 5.20 -8.28 10.54
N LEU A 73 4.37 -7.86 9.57
CA LEU A 73 3.97 -6.44 9.41
C LEU A 73 3.08 -5.95 10.57
N CYS A 74 2.19 -6.83 11.12
CA CYS A 74 1.33 -6.58 12.28
C CYS A 74 2.17 -6.27 13.52
N LEU A 75 3.16 -7.14 13.82
CA LEU A 75 4.07 -6.99 14.97
C LEU A 75 4.93 -5.74 14.88
N LYS A 76 5.34 -5.35 13.64
CA LYS A 76 6.13 -4.13 13.44
C LYS A 76 5.29 -2.93 13.86
N ASN A 77 4.00 -2.89 13.45
CA ASN A 77 3.04 -1.85 13.80
C ASN A 77 2.78 -1.76 15.30
N ILE A 78 2.51 -2.90 15.93
CA ILE A 78 2.22 -2.98 17.38
C ILE A 78 3.42 -2.43 18.18
N ARG A 79 4.65 -2.83 17.79
CA ARG A 79 5.89 -2.40 18.43
C ARG A 79 6.13 -0.92 18.25
N THR A 80 5.83 -0.38 17.05
CA THR A 80 5.93 1.05 16.75
C THR A 80 4.98 1.78 17.69
N PHE A 81 3.68 1.35 17.71
CA PHE A 81 2.70 1.93 18.62
C PHE A 81 3.23 1.95 20.06
N LEU A 82 3.75 0.78 20.54
CA LEU A 82 4.30 0.56 21.87
C LEU A 82 5.51 1.44 22.20
N SER A 83 6.44 1.60 21.24
CA SER A 83 7.65 2.41 21.36
C SER A 83 7.28 3.89 21.50
N THR A 84 6.36 4.40 20.64
CA THR A 84 5.89 5.78 20.66
C THR A 84 5.20 6.10 21.99
N CYS A 85 4.58 5.09 22.62
CA CYS A 85 3.89 5.20 23.91
C CYS A 85 4.81 5.60 25.07
N CYS A 86 6.05 5.08 25.11
CA CYS A 86 6.99 5.45 26.18
C CYS A 86 7.83 6.68 25.79
N GLU A 87 8.08 6.88 24.49
CA GLU A 87 8.88 7.98 23.97
C GLU A 87 8.14 9.31 23.90
N LYS A 88 6.94 9.33 23.28
CA LYS A 88 6.15 10.55 23.06
C LYS A 88 4.90 10.73 23.97
N PHE A 89 4.50 9.72 24.75
CA PHE A 89 3.31 9.84 25.59
C PHE A 89 3.64 9.67 27.08
N GLY A 90 4.92 9.31 27.33
CA GLY A 90 5.48 9.14 28.67
C GLY A 90 4.81 8.10 29.53
N LEU A 91 4.72 6.88 29.01
CA LEU A 91 4.16 5.74 29.74
C LEU A 91 5.29 4.85 30.22
N LYS A 92 5.09 4.21 31.38
CA LYS A 92 6.05 3.29 31.99
C LYS A 92 5.83 1.90 31.36
N ARG A 93 6.88 1.06 31.31
CA ARG A 93 6.85 -0.30 30.77
C ARG A 93 5.77 -1.19 31.45
N SER A 94 5.43 -0.84 32.72
CA SER A 94 4.41 -1.54 33.49
C SER A 94 3.01 -1.31 32.91
N GLU A 95 2.79 -0.12 32.32
CA GLU A 95 1.53 0.29 31.72
C GLU A 95 1.37 -0.23 30.31
N LEU A 96 2.49 -0.66 29.70
CA LEU A 96 2.55 -1.20 28.35
C LEU A 96 2.45 -2.73 28.33
N PHE A 97 1.85 -3.25 27.26
CA PHE A 97 1.69 -4.68 27.05
C PHE A 97 2.80 -5.15 26.07
N GLU A 98 2.99 -6.46 25.96
N GLU A 98 3.01 -6.46 25.96
CA GLU A 98 3.95 -7.06 25.04
CA GLU A 98 3.96 -7.07 25.03
C GLU A 98 3.18 -7.34 23.74
C GLU A 98 3.17 -7.34 23.73
N ALA A 99 3.82 -7.18 22.56
CA ALA A 99 3.20 -7.36 21.22
C ALA A 99 2.22 -8.57 21.07
N PHE A 100 2.55 -9.71 21.68
CA PHE A 100 1.73 -10.92 21.62
C PHE A 100 0.51 -10.92 22.55
N ASP A 101 0.43 -9.99 23.55
CA ASP A 101 -0.75 -9.82 24.41
C ASP A 101 -1.93 -9.36 23.55
N LEU A 102 -1.63 -8.60 22.49
CA LEU A 102 -2.57 -8.15 21.48
C LEU A 102 -2.62 -9.15 20.28
N PHE A 103 -1.48 -9.37 19.58
CA PHE A 103 -1.48 -10.21 18.38
C PHE A 103 -1.99 -11.62 18.66
N ASP A 104 -1.44 -12.32 19.67
CA ASP A 104 -1.96 -13.66 19.91
C ASP A 104 -2.87 -13.69 21.16
N VAL A 105 -3.53 -12.56 21.43
CA VAL A 105 -4.50 -12.26 22.51
C VAL A 105 -4.16 -13.02 23.81
N GLN A 106 -2.87 -13.00 24.18
CA GLN A 106 -2.36 -13.66 25.38
C GLN A 106 -2.82 -12.97 26.66
N ASP A 107 -2.94 -11.63 26.64
CA ASP A 107 -3.47 -10.84 27.75
C ASP A 107 -4.17 -9.60 27.19
N PHE A 108 -5.44 -9.77 26.79
CA PHE A 108 -6.19 -8.66 26.18
C PHE A 108 -6.54 -7.55 27.16
N GLY A 109 -6.86 -7.92 28.40
CA GLY A 109 -7.13 -6.97 29.48
C GLY A 109 -6.03 -5.94 29.55
N LYS A 110 -4.75 -6.40 29.50
CA LYS A 110 -3.55 -5.54 29.50
C LYS A 110 -3.57 -4.47 28.40
N VAL A 111 -4.07 -4.82 27.20
CA VAL A 111 -4.19 -3.91 26.04
C VAL A 111 -5.22 -2.83 26.37
N ILE A 112 -6.34 -3.24 26.99
CA ILE A 112 -7.38 -2.32 27.43
C ILE A 112 -6.85 -1.36 28.49
N TYR A 113 -6.11 -1.89 29.50
N TYR A 113 -6.13 -1.89 29.51
CA TYR A 113 -5.49 -1.10 30.57
CA TYR A 113 -5.53 -1.07 30.58
C TYR A 113 -4.57 -0.03 29.98
C TYR A 113 -4.55 -0.04 30.01
N THR A 114 -3.78 -0.41 28.96
CA THR A 114 -2.83 0.48 28.27
C THR A 114 -3.60 1.64 27.59
N LEU A 115 -4.74 1.33 26.95
CA LEU A 115 -5.57 2.34 26.29
C LEU A 115 -6.24 3.25 27.32
N SER A 116 -6.54 2.71 28.52
CA SER A 116 -7.09 3.45 29.65
C SER A 116 -6.00 4.42 30.17
N ALA A 117 -4.75 3.92 30.37
CA ALA A 117 -3.60 4.75 30.78
C ALA A 117 -3.43 5.89 29.79
N LEU A 118 -3.49 5.56 28.48
CA LEU A 118 -3.39 6.49 27.37
C LEU A 118 -4.52 7.55 27.36
N SER A 119 -5.78 7.14 27.69
CA SER A 119 -6.94 8.04 27.77
C SER A 119 -6.79 9.03 28.92
N TRP A 120 -6.08 8.60 29.98
CA TRP A 120 -5.81 9.38 31.17
C TRP A 120 -4.53 10.27 31.04
N THR A 121 -3.80 10.20 29.92
CA THR A 121 -2.61 11.06 29.74
C THR A 121 -3.05 12.49 29.45
N PRO A 122 -2.30 13.53 29.93
CA PRO A 122 -2.69 14.92 29.65
C PRO A 122 -2.84 15.23 28.16
N ILE A 123 -1.90 14.76 27.31
CA ILE A 123 -1.87 14.90 25.84
C ILE A 123 -3.27 14.65 25.25
N ALA A 124 -4.00 13.64 25.79
CA ALA A 124 -5.33 13.22 25.38
C ALA A 124 -6.41 13.95 26.13
N GLN A 125 -6.24 14.10 27.47
CA GLN A 125 -7.18 14.75 28.41
C GLN A 125 -7.52 16.15 27.96
N ASN A 126 -6.48 16.90 27.53
CA ASN A 126 -6.55 18.28 27.09
C ASN A 126 -7.26 18.44 25.74
N ARG A 127 -7.17 17.43 24.87
CA ARG A 127 -7.78 17.44 23.53
C ARG A 127 -9.31 17.37 23.55
N GLY A 128 -9.89 17.49 24.75
CA GLY A 128 -11.32 17.50 24.98
C GLY A 128 -11.92 16.16 25.30
N ILE A 129 -11.21 15.08 24.91
CA ILE A 129 -11.62 13.69 25.08
C ILE A 129 -11.68 13.24 26.56
N MET A 130 -12.83 12.67 26.94
CA MET A 130 -13.15 12.14 28.26
C MET A 130 -12.39 10.80 28.48
N PRO A 131 -11.52 10.69 29.51
CA PRO A 131 -10.80 9.43 29.74
C PRO A 131 -11.73 8.31 30.19
N PHE A 132 -11.18 7.09 30.34
CA PHE A 132 -11.91 5.91 30.82
C PHE A 132 -10.97 5.00 31.67
N PRO A 133 -11.51 4.30 32.69
CA PRO A 133 -12.88 4.39 33.20
C PRO A 133 -13.01 5.68 34.00
N THR A 134 -14.25 6.16 34.21
CA THR A 134 -14.51 7.38 34.99
C THR A 134 -14.22 7.09 36.50
N GLU A 135 -14.61 5.88 36.98
CA GLU A 135 -14.43 5.36 38.33
C GLU A 135 -14.29 3.84 38.29
N GLU A 142 -14.74 -8.80 34.67
CA GLU A 142 -14.33 -10.15 35.08
C GLU A 142 -13.53 -10.88 33.98
N ASP A 143 -13.68 -12.23 33.86
CA ASP A 143 -12.96 -13.02 32.88
C ASP A 143 -13.78 -13.23 31.60
N ILE A 144 -13.43 -12.47 30.55
CA ILE A 144 -14.07 -12.52 29.23
C ILE A 144 -13.02 -12.62 28.12
N TYR A 145 -11.75 -12.43 28.50
CA TYR A 145 -10.60 -12.48 27.61
C TYR A 145 -9.93 -13.87 27.51
N SER A 146 -10.39 -14.86 28.32
CA SER A 146 -9.79 -16.20 28.34
C SER A 146 -10.00 -17.01 27.05
N GLY A 147 -11.21 -16.90 26.47
CA GLY A 147 -11.57 -17.59 25.24
C GLY A 147 -11.25 -16.83 23.97
N LEU A 148 -10.40 -15.79 24.08
CA LEU A 148 -10.03 -14.96 22.93
C LEU A 148 -9.11 -15.66 21.95
N SER A 149 -8.17 -16.51 22.45
CA SER A 149 -7.25 -17.29 21.61
C SER A 149 -8.01 -18.18 20.64
N ASP A 150 -9.14 -18.71 21.10
CA ASP A 150 -10.00 -19.59 20.33
C ASP A 150 -10.83 -18.87 19.25
N GLN A 151 -11.13 -17.57 19.41
CA GLN A 151 -11.99 -16.85 18.46
C GLN A 151 -11.31 -15.82 17.56
N ILE A 152 -10.01 -15.53 17.78
CA ILE A 152 -9.27 -14.46 17.09
C ILE A 152 -9.27 -14.58 15.53
N ASP A 153 -9.24 -15.81 14.97
CA ASP A 153 -9.32 -15.93 13.52
C ASP A 153 -10.81 -15.98 13.04
N ASP A 154 -11.23 -14.89 12.37
CA ASP A 154 -12.57 -14.64 11.81
C ASP A 154 -12.40 -13.53 10.76
N THR A 155 -13.01 -13.70 9.55
CA THR A 155 -12.93 -12.79 8.38
C THR A 155 -11.66 -11.89 8.44
N GLU A 158 -11.47 -10.17 4.33
CA GLU A 158 -10.70 -8.95 4.58
C GLU A 158 -11.60 -7.78 4.99
N ASP A 159 -11.39 -7.17 6.18
CA ASP A 159 -12.23 -6.03 6.61
C ASP A 159 -11.74 -4.69 6.03
N GLU A 160 -12.27 -4.32 4.84
CA GLU A 160 -11.90 -3.09 4.12
C GLU A 160 -12.34 -1.82 4.88
N ASP A 161 -13.61 -1.82 5.37
CA ASP A 161 -14.27 -0.73 6.10
C ASP A 161 -13.69 -0.40 7.48
N LEU A 162 -12.90 -1.32 8.06
CA LEU A 162 -12.28 -1.09 9.35
C LEU A 162 -11.34 0.11 9.33
N TYR A 163 -10.70 0.37 8.20
CA TYR A 163 -9.71 1.43 8.11
C TYR A 163 -10.25 2.80 7.66
N ASP A 164 -11.59 3.00 7.57
CA ASP A 164 -12.22 4.27 7.14
C ASP A 164 -11.64 5.53 7.79
N CYS A 165 -11.17 5.43 9.05
CA CYS A 165 -10.61 6.55 9.82
C CYS A 165 -9.09 6.62 9.75
N VAL A 166 -8.45 5.82 8.86
CA VAL A 166 -6.99 5.76 8.70
C VAL A 166 -6.57 6.64 7.52
N GLU A 167 -5.56 7.49 7.78
CA GLU A 167 -4.92 8.40 6.85
C GLU A 167 -4.31 7.58 5.72
N ASN A 168 -4.60 7.94 4.45
CA ASN A 168 -4.05 7.29 3.25
C ASN A 168 -2.60 7.73 3.07
N GLU A 169 -1.82 6.95 2.30
CA GLU A 169 -0.41 7.28 1.99
C GLU A 169 -0.33 8.60 1.21
N GLU A 170 -1.28 8.80 0.30
CA GLU A 170 -1.38 9.96 -0.57
C GLU A 170 -2.06 11.24 0.05
N ALA A 171 -2.37 11.24 1.36
CA ALA A 171 -3.00 12.39 2.00
C ALA A 171 -2.06 13.61 2.07
N GLU A 172 -0.81 13.38 2.53
CA GLU A 172 0.23 14.41 2.64
C GLU A 172 0.44 15.14 1.31
N GLY A 173 0.49 14.36 0.21
CA GLY A 173 0.69 14.87 -1.14
C GLY A 173 -0.53 15.60 -1.68
N ASP A 174 -1.72 15.14 -1.29
CA ASP A 174 -2.99 15.73 -1.71
C ASP A 174 -3.21 17.11 -1.07
N GLU A 175 -2.65 17.31 0.14
CA GLU A 175 -2.74 18.61 0.82
C GLU A 175 -1.92 19.63 0.07
N ILE A 176 -0.62 19.33 -0.17
CA ILE A 176 0.32 20.15 -0.96
C ILE A 176 -0.27 20.43 -2.34
N TYR A 177 -0.81 19.41 -3.02
CA TYR A 177 -1.45 19.61 -4.32
C TYR A 177 -2.60 20.59 -4.25
N GLU A 178 -3.56 20.41 -3.32
CA GLU A 178 -4.75 21.28 -3.22
C GLU A 178 -4.43 22.69 -2.70
N ASP A 179 -3.43 22.84 -1.79
CA ASP A 179 -2.91 24.13 -1.31
C ASP A 179 -2.45 24.98 -2.49
N LEU A 180 -1.88 24.33 -3.54
CA LEU A 180 -1.32 24.92 -4.76
C LEU A 180 -2.34 25.14 -5.85
N MET A 181 -3.21 24.14 -6.11
CA MET A 181 -4.21 24.17 -7.19
C MET A 181 -5.47 24.87 -6.81
N ARG A 182 -5.49 25.42 -5.57
CA ARG A 182 -6.62 26.15 -5.03
C ARG A 182 -7.09 27.22 -6.02
N SER A 183 -8.27 26.97 -6.60
CA SER A 183 -8.90 27.88 -7.56
C SER A 183 -9.85 28.80 -6.79
N GLU A 184 -9.90 30.08 -7.19
CA GLU A 184 -10.76 31.11 -6.59
C GLU A 184 -12.24 30.82 -6.81
N PRO A 185 -13.08 30.88 -5.74
CA PRO A 185 -14.53 30.67 -5.93
C PRO A 185 -15.19 31.96 -6.40
N LYS A 191 -28.89 27.52 -7.98
CA LYS A 191 -27.66 27.56 -8.78
C LYS A 191 -27.92 27.54 -10.30
N MET A 192 -26.84 27.68 -11.12
CA MET A 192 -26.84 27.73 -12.59
C MET A 192 -27.32 26.44 -13.30
N THR A 193 -27.28 26.44 -14.66
CA THR A 193 -27.68 25.31 -15.51
C THR A 193 -26.52 24.32 -15.73
N GLU A 194 -26.74 23.29 -16.57
CA GLU A 194 -25.74 22.26 -16.89
C GLU A 194 -24.62 22.79 -17.77
N TYR A 195 -24.93 23.61 -18.81
CA TYR A 195 -23.93 24.21 -19.72
C TYR A 195 -22.98 25.14 -18.96
N ASP A 196 -23.52 25.96 -18.04
CA ASP A 196 -22.73 26.90 -17.24
C ASP A 196 -21.76 26.12 -16.35
N LYS A 197 -22.26 25.03 -15.71
CA LYS A 197 -21.48 24.13 -14.86
C LYS A 197 -20.39 23.44 -15.68
N ARG A 198 -20.71 23.05 -16.92
CA ARG A 198 -19.83 22.45 -17.91
C ARG A 198 -18.64 23.39 -18.20
N CYS A 199 -18.92 24.71 -18.31
CA CYS A 199 -17.90 25.74 -18.54
C CYS A 199 -17.01 25.92 -17.31
N CYS A 200 -17.54 25.63 -16.10
CA CYS A 200 -16.81 25.73 -14.83
C CYS A 200 -15.75 24.66 -14.76
N CYS A 201 -16.07 23.47 -15.32
CA CYS A 201 -15.19 22.32 -15.42
C CYS A 201 -14.04 22.66 -16.34
N LEU A 202 -14.36 23.16 -17.57
CA LEU A 202 -13.38 23.57 -18.58
C LEU A 202 -12.40 24.60 -18.01
N ARG A 203 -12.92 25.57 -17.26
CA ARG A 203 -12.13 26.62 -16.62
C ARG A 203 -11.16 26.03 -15.60
N GLU A 204 -11.64 25.07 -14.79
CA GLU A 204 -10.84 24.40 -13.76
C GLU A 204 -9.70 23.61 -14.37
N ILE A 205 -10.00 22.83 -15.44
CA ILE A 205 -9.07 22.00 -16.20
C ILE A 205 -7.90 22.85 -16.68
N GLN A 206 -8.17 24.05 -17.24
CA GLN A 206 -7.13 24.97 -17.70
C GLN A 206 -6.38 25.65 -16.56
N GLN A 207 -7.11 26.19 -15.57
CA GLN A 207 -6.52 26.91 -14.42
C GLN A 207 -5.53 26.05 -13.59
N THR A 208 -5.93 24.79 -13.25
CA THR A 208 -5.11 23.84 -12.49
C THR A 208 -3.93 23.33 -13.31
N GLU A 209 -4.11 23.22 -14.65
CA GLU A 209 -3.07 22.82 -15.59
C GLU A 209 -2.01 23.92 -15.73
N GLU A 210 -2.44 25.21 -15.79
CA GLU A 210 -1.55 26.37 -15.90
C GLU A 210 -0.67 26.43 -14.66
N LYS A 211 -1.29 26.32 -13.47
CA LYS A 211 -0.59 26.35 -12.18
C LYS A 211 0.39 25.15 -12.11
N TYR A 212 -0.06 23.97 -12.60
CA TYR A 212 0.74 22.76 -12.65
C TYR A 212 2.01 22.95 -13.45
N THR A 213 1.87 23.46 -14.69
CA THR A 213 3.02 23.68 -15.57
C THR A 213 3.96 24.73 -14.97
N ASP A 214 3.39 25.74 -14.28
CA ASP A 214 4.23 26.75 -13.66
C ASP A 214 4.99 26.19 -12.48
N THR A 215 4.34 25.29 -11.68
CA THR A 215 4.91 24.59 -10.51
C THR A 215 6.07 23.72 -10.98
N LEU A 216 5.89 23.03 -12.13
CA LEU A 216 6.93 22.23 -12.76
C LEU A 216 8.10 23.15 -13.07
N GLY A 217 7.82 24.28 -13.75
CA GLY A 217 8.78 25.32 -14.09
C GLY A 217 9.54 25.85 -12.87
N SER A 218 8.80 26.08 -11.76
CA SER A 218 9.34 26.58 -10.48
C SER A 218 10.38 25.64 -9.87
N ILE A 219 10.14 24.29 -9.96
CA ILE A 219 11.02 23.21 -9.49
C ILE A 219 12.32 23.30 -10.26
N GLN A 220 12.21 23.32 -11.61
CA GLN A 220 13.38 23.42 -12.52
C GLN A 220 14.19 24.71 -12.23
N GLN A 221 13.54 25.88 -12.33
CA GLN A 221 14.16 27.19 -12.19
C GLN A 221 14.67 27.54 -10.79
N HIS A 222 13.83 27.45 -9.73
CA HIS A 222 14.26 27.85 -8.39
C HIS A 222 14.96 26.77 -7.56
N PHE A 223 14.95 25.50 -8.04
CA PHE A 223 15.56 24.42 -7.26
C PHE A 223 16.66 23.71 -8.02
N LEU A 224 16.29 23.01 -9.13
CA LEU A 224 17.17 22.22 -9.97
C LEU A 224 18.44 22.98 -10.41
N LYS A 225 18.28 24.01 -11.28
CA LYS A 225 19.35 24.88 -11.81
C LYS A 225 20.18 25.49 -10.67
N PRO A 226 19.60 26.13 -9.59
CA PRO A 226 20.44 26.65 -8.49
C PRO A 226 21.17 25.58 -7.69
N LEU A 227 20.59 24.38 -7.59
CA LEU A 227 21.21 23.28 -6.84
C LEU A 227 22.39 22.61 -7.57
N GLN A 228 22.47 22.79 -8.89
CA GLN A 228 23.54 22.20 -9.74
C GLN A 228 24.94 22.65 -9.33
N ARG A 229 25.02 23.82 -8.66
CA ARG A 229 26.23 24.46 -8.11
C ARG A 229 26.62 23.77 -6.77
N PHE A 230 25.66 23.07 -6.15
CA PHE A 230 25.82 22.40 -4.86
C PHE A 230 25.94 20.88 -4.95
N LEU A 231 25.20 20.26 -5.89
CA LEU A 231 25.14 18.81 -6.02
C LEU A 231 25.72 18.30 -7.33
N LYS A 232 26.29 17.07 -7.29
CA LYS A 232 26.87 16.35 -8.43
C LYS A 232 25.75 16.05 -9.42
N PRO A 233 26.05 15.80 -10.73
CA PRO A 233 24.95 15.42 -11.66
C PRO A 233 24.23 14.14 -11.23
N GLN A 234 24.94 13.25 -10.49
CA GLN A 234 24.43 11.98 -9.95
C GLN A 234 23.26 12.23 -8.99
N ASP A 235 23.50 13.10 -7.97
CA ASP A 235 22.56 13.51 -6.93
C ASP A 235 21.34 14.20 -7.54
N ILE A 236 21.55 15.00 -8.61
CA ILE A 236 20.49 15.75 -9.32
C ILE A 236 19.56 14.76 -10.05
N GLU A 237 20.14 13.73 -10.70
CA GLU A 237 19.40 12.68 -11.40
C GLU A 237 18.47 11.88 -10.43
N ILE A 238 18.99 11.52 -9.23
CA ILE A 238 18.27 10.76 -8.21
C ILE A 238 17.11 11.57 -7.64
N ILE A 239 17.43 12.79 -7.14
CA ILE A 239 16.46 13.71 -6.52
C ILE A 239 15.42 14.22 -7.53
N PHE A 240 15.83 14.68 -8.74
CA PHE A 240 14.91 15.33 -9.71
C PHE A 240 14.29 14.43 -10.77
N ILE A 241 14.95 13.30 -11.12
CA ILE A 241 14.49 12.29 -12.11
C ILE A 241 14.23 12.95 -13.48
N ASN A 242 13.01 12.87 -14.02
CA ASN A 242 12.63 13.40 -15.35
C ASN A 242 11.66 14.57 -15.26
N ILE A 243 11.78 15.37 -14.19
CA ILE A 243 10.93 16.54 -13.94
C ILE A 243 11.00 17.52 -15.13
N GLU A 244 12.19 17.63 -15.75
CA GLU A 244 12.43 18.46 -16.93
C GLU A 244 11.71 17.90 -18.18
N ASP A 245 11.55 16.55 -18.28
CA ASP A 245 10.79 15.90 -19.36
C ASP A 245 9.30 16.09 -19.13
N LEU A 246 8.87 15.99 -17.85
CA LEU A 246 7.47 16.19 -17.44
C LEU A 246 7.08 17.63 -17.75
N LEU A 247 8.00 18.59 -17.52
CA LEU A 247 7.80 20.01 -17.85
C LEU A 247 7.52 20.14 -19.36
N ARG A 248 8.34 19.47 -20.20
CA ARG A 248 8.18 19.44 -21.66
C ARG A 248 6.79 18.93 -22.06
N VAL A 249 6.45 17.70 -21.67
CA VAL A 249 5.15 17.07 -21.98
C VAL A 249 3.99 18.01 -21.64
N HIS A 250 4.01 18.61 -20.45
CA HIS A 250 2.97 19.50 -19.97
C HIS A 250 2.95 20.85 -20.67
N THR A 251 4.11 21.48 -20.95
CA THR A 251 4.20 22.76 -21.68
C THR A 251 3.49 22.61 -23.03
N HIS A 252 3.69 21.46 -23.69
CA HIS A 252 3.03 21.12 -24.95
C HIS A 252 1.56 20.77 -24.71
N PHE A 253 1.23 19.94 -23.68
CA PHE A 253 -0.14 19.54 -23.32
C PHE A 253 -1.01 20.77 -23.06
N LEU A 254 -0.46 21.77 -22.32
CA LEU A 254 -1.08 23.05 -21.97
C LEU A 254 -1.40 23.86 -23.24
N LYS A 255 -0.45 23.96 -24.19
CA LYS A 255 -0.64 24.67 -25.45
C LYS A 255 -1.74 24.02 -26.28
N GLU A 256 -1.66 22.68 -26.47
CA GLU A 256 -2.62 21.88 -27.24
C GLU A 256 -4.01 21.78 -26.62
N MET A 257 -4.11 21.87 -25.29
CA MET A 257 -5.38 21.83 -24.54
C MET A 257 -6.09 23.20 -24.68
N LYS A 258 -5.31 24.31 -24.58
CA LYS A 258 -5.73 25.70 -24.75
C LYS A 258 -6.28 25.93 -26.17
N GLU A 259 -5.64 25.32 -27.19
CA GLU A 259 -6.06 25.40 -28.59
C GLU A 259 -7.45 24.76 -28.73
N ALA A 260 -7.66 23.59 -28.10
CA ALA A 260 -8.92 22.85 -28.10
C ALA A 260 -10.03 23.59 -27.36
N LEU A 261 -9.67 24.36 -26.30
CA LEU A 261 -10.60 25.16 -25.51
C LEU A 261 -10.86 26.53 -26.19
N GLY A 262 -9.91 26.93 -27.06
CA GLY A 262 -9.95 28.18 -27.83
C GLY A 262 -11.03 28.17 -28.89
N THR A 263 -11.22 27.01 -29.56
CA THR A 263 -12.26 26.84 -30.58
C THR A 263 -13.60 26.70 -29.84
N PRO A 264 -14.62 27.53 -30.18
CA PRO A 264 -15.92 27.45 -29.47
C PRO A 264 -16.56 26.07 -29.59
N GLY A 265 -16.98 25.53 -28.45
CA GLY A 265 -17.61 24.22 -28.37
C GLY A 265 -16.79 23.16 -27.68
N ALA A 266 -15.44 23.29 -27.70
CA ALA A 266 -14.44 22.38 -27.11
C ALA A 266 -14.73 20.87 -27.36
N ALA A 267 -15.19 20.54 -28.57
CA ALA A 267 -15.52 19.18 -29.00
C ALA A 267 -14.27 18.42 -29.47
N ASN A 268 -13.10 19.08 -29.37
CA ASN A 268 -11.79 18.53 -29.74
C ASN A 268 -10.97 18.16 -28.49
N LEU A 269 -11.31 18.75 -27.32
CA LEU A 269 -10.63 18.58 -26.03
C LEU A 269 -10.25 17.13 -25.71
N TYR A 270 -11.20 16.18 -25.84
CA TYR A 270 -11.01 14.75 -25.55
C TYR A 270 -9.81 14.11 -26.32
N GLN A 271 -9.56 14.55 -27.58
CA GLN A 271 -8.47 14.06 -28.44
C GLN A 271 -7.10 14.46 -27.91
N VAL A 272 -7.02 15.60 -27.19
CA VAL A 272 -5.77 16.07 -26.57
C VAL A 272 -5.38 15.06 -25.48
N PHE A 273 -6.36 14.65 -24.65
CA PHE A 273 -6.18 13.67 -23.58
C PHE A 273 -5.67 12.34 -24.12
N ILE A 274 -6.34 11.81 -25.16
CA ILE A 274 -5.99 10.54 -25.82
C ILE A 274 -4.54 10.57 -26.36
N LYS A 275 -4.19 11.59 -27.14
CA LYS A 275 -2.85 11.78 -27.72
C LYS A 275 -1.76 11.75 -26.62
N TYR A 276 -2.05 12.42 -25.49
CA TYR A 276 -1.14 12.54 -24.37
C TYR A 276 -1.16 11.35 -23.41
N LYS A 277 -2.07 10.36 -23.59
CA LYS A 277 -2.09 9.17 -22.75
C LYS A 277 -0.78 8.39 -22.91
N GLU A 278 -0.31 8.21 -24.18
CA GLU A 278 0.95 7.54 -24.43
C GLU A 278 2.14 8.40 -23.99
N ARG A 279 2.03 9.72 -24.11
CA ARG A 279 3.10 10.65 -23.72
C ARG A 279 3.31 10.70 -22.21
N PHE A 280 2.22 10.49 -21.44
CA PHE A 280 2.23 10.46 -19.97
C PHE A 280 2.83 9.15 -19.40
N LEU A 281 3.34 8.23 -20.27
CA LEU A 281 4.01 7.00 -19.82
C LEU A 281 5.31 7.31 -19.12
N VAL A 282 5.87 8.51 -19.39
CA VAL A 282 7.06 9.04 -18.77
C VAL A 282 6.94 9.09 -17.23
N TYR A 283 5.68 9.03 -16.73
CA TYR A 283 5.35 9.02 -15.30
C TYR A 283 5.76 7.74 -14.60
N GLY A 284 5.88 6.64 -15.35
CA GLY A 284 6.29 5.35 -14.82
C GLY A 284 7.64 5.50 -14.14
N ARG A 285 8.55 6.17 -14.84
CA ARG A 285 9.88 6.46 -14.34
C ARG A 285 9.79 7.33 -13.09
N TYR A 286 8.97 8.40 -13.14
CA TYR A 286 8.83 9.33 -12.03
C TYR A 286 8.29 8.64 -10.78
N CYS A 287 7.17 7.93 -10.92
CA CYS A 287 6.48 7.19 -9.86
C CYS A 287 7.33 6.10 -9.21
N SER A 288 8.14 5.39 -10.00
CA SER A 288 8.99 4.31 -9.49
C SER A 288 10.16 4.79 -8.66
N GLN A 289 10.66 6.00 -8.94
CA GLN A 289 11.84 6.53 -8.25
C GLN A 289 11.57 7.67 -7.23
N VAL A 290 10.33 8.17 -7.13
CA VAL A 290 9.95 9.33 -6.31
C VAL A 290 10.28 9.19 -4.80
N GLU A 291 10.04 8.04 -4.18
CA GLU A 291 10.31 7.83 -2.75
C GLU A 291 11.80 7.66 -2.50
N SER A 292 12.51 7.02 -3.45
CA SER A 292 13.95 6.82 -3.42
C SER A 292 14.60 8.22 -3.48
N ALA A 293 14.01 9.11 -4.31
CA ALA A 293 14.41 10.50 -4.52
C ALA A 293 14.30 11.27 -3.19
N SER A 294 13.12 11.22 -2.55
CA SER A 294 12.81 11.85 -1.27
C SER A 294 13.79 11.46 -0.17
N LYS A 295 14.07 10.17 0.01
CA LYS A 295 15.03 9.68 0.99
C LYS A 295 16.47 10.16 0.70
N HIS A 296 16.87 10.22 -0.59
CA HIS A 296 18.19 10.69 -1.00
C HIS A 296 18.31 12.21 -0.74
N LEU A 297 17.25 12.98 -1.11
CA LEU A 297 17.11 14.41 -0.85
C LEU A 297 17.26 14.64 0.68
N ASP A 298 16.47 13.90 1.50
CA ASP A 298 16.53 13.95 2.96
C ASP A 298 17.92 13.69 3.55
N ARG A 299 18.75 12.87 2.90
CA ARG A 299 20.09 12.50 3.40
C ARG A 299 21.19 13.46 3.02
N VAL A 300 21.19 13.97 1.77
CA VAL A 300 22.17 14.96 1.31
C VAL A 300 21.94 16.25 2.11
N ALA A 301 20.66 16.54 2.40
CA ALA A 301 20.22 17.70 3.19
C ALA A 301 20.66 17.55 4.65
N ALA A 302 20.49 16.36 5.24
CA ALA A 302 20.83 16.07 6.65
C ALA A 302 22.32 16.02 6.91
N ALA A 303 23.10 15.67 5.87
CA ALA A 303 24.57 15.56 5.94
C ALA A 303 25.27 16.87 5.68
N ARG A 304 24.69 17.70 4.79
CA ARG A 304 25.27 18.98 4.40
C ARG A 304 24.45 20.18 4.83
N GLU A 305 25.05 21.03 5.70
CA GLU A 305 24.46 22.27 6.21
C GLU A 305 24.27 23.32 5.07
N ASP A 306 25.21 23.31 4.09
CA ASP A 306 25.19 24.22 2.94
C ASP A 306 24.02 23.91 1.98
N VAL A 307 23.73 22.60 1.75
CA VAL A 307 22.60 22.12 0.94
C VAL A 307 21.28 22.42 1.67
N GLN A 308 21.24 22.19 3.01
CA GLN A 308 20.09 22.45 3.87
C GLN A 308 19.67 23.93 3.80
N MET A 309 20.66 24.86 3.90
CA MET A 309 20.44 26.31 3.83
C MET A 309 20.02 26.76 2.44
N LYS A 310 20.64 26.19 1.39
CA LYS A 310 20.32 26.49 0.00
C LYS A 310 18.87 26.11 -0.31
N LEU A 311 18.39 24.96 0.23
CA LEU A 311 17.01 24.50 0.05
C LEU A 311 16.02 25.51 0.64
N GLU A 312 16.36 26.09 1.81
CA GLU A 312 15.55 27.11 2.48
C GLU A 312 15.43 28.35 1.60
N GLU A 313 16.57 28.79 1.00
CA GLU A 313 16.67 29.95 0.11
C GLU A 313 15.87 29.73 -1.17
N CYS A 314 15.97 28.52 -1.73
CA CYS A 314 15.26 28.07 -2.92
C CYS A 314 13.73 28.16 -2.67
N SER A 315 13.29 27.70 -1.48
CA SER A 315 11.91 27.71 -1.02
C SER A 315 11.41 29.14 -0.80
N GLN A 316 12.27 30.02 -0.24
CA GLN A 316 11.98 31.44 -0.01
C GLN A 316 11.81 32.18 -1.33
N ARG A 317 12.75 31.99 -2.27
CA ARG A 317 12.72 32.67 -3.56
C ARG A 317 11.64 32.15 -4.53
N ALA A 318 11.08 30.95 -4.29
CA ALA A 318 10.09 30.37 -5.19
C ALA A 318 8.64 30.61 -4.81
N ASN A 319 8.33 30.54 -3.51
CA ASN A 319 6.97 30.63 -3.00
C ASN A 319 6.82 31.35 -1.64
N ASN A 320 7.93 31.90 -1.10
CA ASN A 320 8.03 32.60 0.18
C ASN A 320 7.82 31.65 1.38
N GLY A 321 8.55 30.53 1.34
CA GLY A 321 8.59 29.53 2.41
C GLY A 321 7.35 28.69 2.58
N ARG A 322 6.43 28.74 1.59
CA ARG A 322 5.16 27.99 1.59
C ARG A 322 5.42 26.48 1.39
N PHE A 323 6.20 26.14 0.33
CA PHE A 323 6.52 24.76 -0.05
C PHE A 323 8.01 24.50 -0.16
N THR A 324 8.46 23.40 0.43
CA THR A 324 9.84 22.93 0.33
C THR A 324 9.94 22.09 -0.97
N LEU A 325 11.16 21.72 -1.37
CA LEU A 325 11.35 20.90 -2.56
C LEU A 325 10.67 19.51 -2.40
N ARG A 326 10.84 18.89 -1.22
CA ARG A 326 10.27 17.61 -0.78
C ARG A 326 8.74 17.56 -0.95
N ASP A 327 8.06 18.69 -0.68
CA ASP A 327 6.63 18.80 -0.84
C ASP A 327 6.28 18.88 -2.33
N LEU A 328 7.06 19.68 -3.07
CA LEU A 328 6.82 19.95 -4.48
C LEU A 328 6.97 18.76 -5.36
N LEU A 329 7.87 17.84 -4.99
CA LEU A 329 8.16 16.61 -5.72
C LEU A 329 7.00 15.56 -5.57
N MET A 330 6.06 15.80 -4.63
CA MET A 330 4.88 14.96 -4.40
C MET A 330 3.75 15.41 -5.32
N VAL A 331 3.91 16.54 -5.98
CA VAL A 331 2.87 17.14 -6.81
C VAL A 331 2.68 16.39 -8.14
N PRO A 332 3.69 15.88 -8.87
CA PRO A 332 3.40 15.21 -10.17
C PRO A 332 2.46 13.98 -10.10
N MET A 333 2.59 13.14 -9.05
CA MET A 333 1.71 11.96 -8.90
C MET A 333 0.25 12.36 -8.62
N GLN A 334 0.05 13.48 -7.89
CA GLN A 334 -1.26 13.97 -7.56
C GLN A 334 -1.98 14.51 -8.78
N ARG A 335 -1.31 15.32 -9.60
CA ARG A 335 -1.91 15.85 -10.83
C ARG A 335 -2.50 14.75 -11.77
N VAL A 336 -1.70 13.70 -12.05
CA VAL A 336 -2.12 12.63 -12.95
C VAL A 336 -3.32 11.83 -12.33
N LEU A 337 -3.43 11.72 -11.00
CA LEU A 337 -4.60 11.08 -10.35
C LEU A 337 -5.88 11.93 -10.47
N LYS A 338 -5.74 13.25 -10.56
CA LYS A 338 -6.87 14.18 -10.68
C LYS A 338 -7.55 14.23 -12.06
N TYR A 339 -6.81 14.02 -13.18
CA TYR A 339 -7.37 14.03 -14.53
C TYR A 339 -8.70 13.29 -14.69
N HIS A 340 -8.81 12.05 -14.15
CA HIS A 340 -10.05 11.29 -14.27
C HIS A 340 -11.20 11.92 -13.44
N LEU A 341 -10.84 12.61 -12.34
CA LEU A 341 -11.81 13.31 -11.50
C LEU A 341 -12.35 14.59 -12.18
N LEU A 342 -11.45 15.37 -12.79
CA LEU A 342 -11.82 16.58 -13.55
C LEU A 342 -12.65 16.22 -14.80
N LEU A 343 -12.47 15.02 -15.37
CA LEU A 343 -13.20 14.59 -16.53
C LEU A 343 -14.55 13.99 -16.15
N GLN A 344 -14.64 13.34 -14.96
CA GLN A 344 -15.84 12.70 -14.42
C GLN A 344 -16.92 13.74 -14.16
N GLU A 345 -16.52 14.89 -13.60
CA GLU A 345 -17.41 16.01 -13.29
C GLU A 345 -17.88 16.71 -14.59
N LEU A 346 -16.96 16.91 -15.56
CA LEU A 346 -17.23 17.53 -16.85
C LEU A 346 -18.24 16.72 -17.64
N VAL A 347 -18.03 15.39 -17.72
CA VAL A 347 -18.88 14.45 -18.45
C VAL A 347 -20.30 14.39 -17.84
N LYS A 348 -20.42 14.65 -16.52
CA LYS A 348 -21.70 14.71 -15.79
C LYS A 348 -22.53 15.88 -16.33
N HIS A 349 -21.87 17.04 -16.52
CA HIS A 349 -22.49 18.29 -16.99
C HIS A 349 -22.43 18.46 -18.51
N THR A 350 -22.15 17.36 -19.25
CA THR A 350 -22.14 17.36 -20.71
C THR A 350 -23.36 16.55 -21.14
N GLN A 351 -24.39 17.25 -21.64
CA GLN A 351 -25.65 16.64 -22.08
C GLN A 351 -25.88 16.77 -23.60
N GLU A 352 -24.97 16.15 -24.34
CA GLU A 352 -25.00 15.99 -25.79
C GLU A 352 -24.41 14.58 -25.92
N ALA A 353 -25.12 13.64 -26.60
CA ALA A 353 -24.76 12.23 -26.75
C ALA A 353 -23.33 11.95 -27.29
N MET A 354 -22.90 12.54 -28.43
CA MET A 354 -21.56 12.28 -29.03
C MET A 354 -20.37 12.87 -28.20
N GLU A 355 -20.48 14.12 -27.73
CA GLU A 355 -19.54 14.87 -26.91
C GLU A 355 -19.39 14.23 -25.52
N LYS A 356 -20.50 13.75 -24.90
CA LYS A 356 -20.41 13.04 -23.62
C LYS A 356 -19.67 11.71 -23.83
N GLU A 357 -19.95 10.99 -24.95
CA GLU A 357 -19.31 9.71 -25.28
C GLU A 357 -17.83 9.88 -25.67
N ASN A 358 -17.47 11.01 -26.33
CA ASN A 358 -16.09 11.32 -26.73
C ASN A 358 -15.24 11.61 -25.50
N LEU A 359 -15.79 12.40 -24.56
CA LEU A 359 -15.13 12.71 -23.29
C LEU A 359 -15.11 11.48 -22.37
N ARG A 360 -16.07 10.55 -22.55
CA ARG A 360 -16.12 9.30 -21.78
C ARG A 360 -14.90 8.41 -22.12
N LEU A 361 -14.45 8.44 -23.38
CA LEU A 361 -13.26 7.74 -23.88
C LEU A 361 -11.97 8.34 -23.30
N ALA A 362 -11.93 9.70 -23.16
CA ALA A 362 -10.81 10.43 -22.56
C ALA A 362 -10.74 10.08 -21.07
N LEU A 363 -11.92 9.97 -20.42
CA LEU A 363 -12.09 9.63 -19.01
C LEU A 363 -11.53 8.21 -18.76
N ASP A 364 -11.83 7.26 -19.67
CA ASP A 364 -11.35 5.88 -19.62
C ASP A 364 -9.82 5.85 -19.69
N ALA A 365 -9.24 6.68 -20.57
CA ALA A 365 -7.79 6.82 -20.74
C ALA A 365 -7.12 7.43 -19.49
N MET A 366 -7.85 8.27 -18.76
CA MET A 366 -7.31 8.93 -17.58
C MET A 366 -7.50 8.08 -16.34
N ARG A 367 -8.50 7.19 -16.33
CA ARG A 367 -8.74 6.26 -15.23
C ARG A 367 -7.64 5.20 -15.25
N ASP A 368 -7.27 4.73 -16.47
CA ASP A 368 -6.19 3.76 -16.69
C ASP A 368 -4.84 4.31 -16.23
N LEU A 369 -4.61 5.63 -16.44
CA LEU A 369 -3.42 6.33 -15.96
C LEU A 369 -3.41 6.37 -14.43
N ALA A 370 -4.60 6.47 -13.80
CA ALA A 370 -4.75 6.46 -12.34
C ALA A 370 -4.44 5.05 -11.79
N GLN A 371 -4.82 3.98 -12.56
CA GLN A 371 -4.52 2.59 -12.19
C GLN A 371 -3.02 2.30 -12.32
N CYS A 372 -2.39 2.85 -13.38
CA CYS A 372 -0.96 2.78 -13.70
C CYS A 372 -0.18 3.32 -12.50
N VAL A 373 -0.61 4.48 -11.98
CA VAL A 373 -0.03 5.14 -10.82
C VAL A 373 -0.11 4.22 -9.62
N ASN A 374 -1.32 3.69 -9.34
CA ASN A 374 -1.57 2.85 -8.17
C ASN A 374 -0.80 1.53 -8.21
N GLU A 375 -0.63 0.93 -9.41
CA GLU A 375 0.18 -0.29 -9.59
C GLU A 375 1.64 -0.09 -9.20
N VAL A 376 2.22 1.06 -9.56
CA VAL A 376 3.61 1.38 -9.22
C VAL A 376 3.76 1.47 -7.70
N LYS A 377 2.82 2.17 -7.04
CA LYS A 377 2.72 2.39 -5.61
C LYS A 377 2.64 1.07 -4.84
N ARG A 378 1.78 0.17 -5.32
CA ARG A 378 1.61 -1.17 -4.75
C ARG A 378 2.89 -1.99 -4.83
N ASP A 379 3.56 -2.01 -6.01
CA ASP A 379 4.80 -2.76 -6.24
C ASP A 379 5.96 -2.18 -5.45
N ASN A 380 6.00 -0.86 -5.28
CA ASN A 380 6.99 -0.17 -4.46
C ASN A 380 6.77 -0.53 -2.97
N GLU A 381 5.49 -0.72 -2.54
CA GLU A 381 5.20 -1.19 -1.20
C GLU A 381 5.62 -2.65 -1.04
N THR A 382 5.34 -3.51 -2.04
CA THR A 382 5.76 -4.93 -2.05
C THR A 382 7.30 -5.04 -1.91
N LEU A 383 8.08 -4.23 -2.65
CA LEU A 383 9.53 -4.28 -2.54
C LEU A 383 10.02 -3.88 -1.15
N ARG A 384 9.43 -2.81 -0.56
CA ARG A 384 9.73 -2.37 0.80
C ARG A 384 9.54 -3.53 1.78
N GLN A 385 8.44 -4.32 1.61
CA GLN A 385 8.13 -5.50 2.42
C GLN A 385 9.19 -6.55 2.24
N ILE A 386 9.45 -6.96 0.95
CA ILE A 386 10.48 -7.96 0.60
C ILE A 386 11.84 -7.62 1.25
N THR A 387 12.34 -6.37 1.07
CA THR A 387 13.65 -5.99 1.62
C THR A 387 13.67 -6.10 3.16
N ASN A 388 12.51 -5.85 3.84
CA ASN A 388 12.37 -5.99 5.31
C ASN A 388 12.39 -7.43 5.72
N PHE A 389 11.74 -8.32 4.95
CA PHE A 389 11.75 -9.77 5.21
C PHE A 389 13.20 -10.24 5.12
N GLN A 390 13.89 -9.91 4.01
CA GLN A 390 15.31 -10.19 3.72
C GLN A 390 16.24 -9.89 4.93
N LEU A 391 16.13 -8.68 5.51
CA LEU A 391 16.95 -8.25 6.64
C LEU A 391 16.68 -9.06 7.93
N SER A 392 15.42 -9.37 8.20
CA SER A 392 15.05 -10.13 9.39
C SER A 392 15.28 -11.65 9.29
N ILE A 393 15.48 -12.17 8.06
CA ILE A 393 15.70 -13.60 7.82
C ILE A 393 17.21 -13.90 7.67
N GLU A 394 17.72 -14.74 8.59
CA GLU A 394 19.11 -15.22 8.68
C GLU A 394 19.24 -16.53 7.93
N ASN A 395 20.48 -16.82 7.46
CA ASN A 395 20.88 -18.04 6.72
C ASN A 395 20.13 -18.15 5.38
N LEU A 396 19.72 -16.99 4.81
CA LEU A 396 19.00 -16.87 3.55
C LEU A 396 19.98 -16.37 2.46
N ASP A 397 20.41 -17.28 1.60
CA ASP A 397 21.36 -16.89 0.56
C ASP A 397 20.68 -16.25 -0.62
N GLN A 398 19.51 -16.80 -1.01
CA GLN A 398 18.65 -16.37 -2.13
C GLN A 398 18.13 -14.92 -1.93
N SER A 399 17.96 -14.19 -3.05
CA SER A 399 17.39 -12.83 -3.08
C SER A 399 15.86 -13.00 -3.22
N LEU A 400 15.09 -12.66 -2.15
CA LEU A 400 13.63 -12.82 -2.07
C LEU A 400 12.81 -12.20 -3.21
N ALA A 401 13.32 -11.12 -3.85
CA ALA A 401 12.68 -10.43 -4.96
C ALA A 401 12.57 -11.29 -6.23
N HIS A 402 13.23 -12.45 -6.24
CA HIS A 402 13.17 -13.34 -7.41
C HIS A 402 12.02 -14.32 -7.23
N TYR A 403 11.39 -14.33 -6.06
CA TYR A 403 10.37 -15.33 -5.75
C TYR A 403 8.94 -14.79 -5.73
N GLY A 404 8.72 -13.61 -6.27
CA GLY A 404 7.39 -13.02 -6.39
C GLY A 404 6.88 -12.28 -5.18
N ARG A 405 5.55 -12.18 -5.08
CA ARG A 405 4.85 -11.45 -4.02
C ARG A 405 4.66 -12.22 -2.74
N PRO A 406 4.88 -11.59 -1.57
CA PRO A 406 4.54 -12.26 -0.29
C PRO A 406 3.02 -12.50 -0.24
N LYS A 407 2.63 -13.70 0.21
CA LYS A 407 1.22 -14.10 0.29
C LYS A 407 0.74 -14.14 1.73
N ILE A 408 1.52 -14.78 2.65
CA ILE A 408 1.14 -14.96 4.06
C ILE A 408 2.34 -15.33 4.92
N ASP A 409 2.34 -14.89 6.18
CA ASP A 409 3.40 -15.27 7.10
C ASP A 409 2.89 -15.35 8.53
N GLY A 410 3.38 -16.36 9.25
CA GLY A 410 3.03 -16.65 10.64
C GLY A 410 3.48 -18.03 11.09
N GLU A 411 3.17 -18.36 12.34
CA GLU A 411 3.52 -19.62 12.98
C GLU A 411 2.65 -20.74 12.47
N LEU A 412 3.23 -21.93 12.39
CA LEU A 412 2.55 -23.18 12.02
C LEU A 412 3.27 -24.37 12.65
N LYS A 413 2.68 -25.57 12.53
CA LYS A 413 3.30 -26.81 12.96
C LYS A 413 3.54 -27.66 11.74
N ILE A 414 4.67 -28.35 11.70
CA ILE A 414 5.06 -29.13 10.52
C ILE A 414 5.75 -30.48 10.86
N THR A 415 5.62 -31.43 9.93
CA THR A 415 6.23 -32.75 9.94
C THR A 415 6.34 -33.24 8.48
N SER A 416 7.07 -34.35 8.26
CA SER A 416 7.22 -35.00 6.95
C SER A 416 5.97 -35.91 6.73
N VAL A 417 5.75 -36.40 5.50
CA VAL A 417 4.60 -37.27 5.18
C VAL A 417 4.61 -38.58 6.00
N GLU A 418 5.78 -39.22 6.15
CA GLU A 418 5.97 -40.46 6.92
C GLU A 418 6.01 -40.23 8.45
N ARG A 419 6.70 -39.16 8.90
CA ARG A 419 6.87 -38.84 10.32
C ARG A 419 5.54 -38.47 11.04
N ARG A 420 5.53 -38.59 12.39
CA ARG A 420 4.34 -38.35 13.22
C ARG A 420 4.42 -37.12 14.14
N SER A 421 5.60 -36.83 14.74
CA SER A 421 5.76 -35.68 15.66
C SER A 421 5.92 -34.33 14.95
N LYS A 422 5.10 -33.35 15.37
CA LYS A 422 5.03 -31.98 14.82
C LYS A 422 6.01 -31.02 15.46
N MET A 423 6.63 -30.17 14.64
CA MET A 423 7.57 -29.13 15.05
C MET A 423 6.92 -27.76 14.88
N ASP A 424 7.01 -26.92 15.92
CA ASP A 424 6.48 -25.57 15.90
C ASP A 424 7.46 -24.68 15.12
N ARG A 425 7.08 -24.25 13.89
CA ARG A 425 7.90 -23.41 13.00
C ARG A 425 7.20 -22.10 12.59
N TYR A 426 7.95 -21.16 11.97
CA TYR A 426 7.46 -19.90 11.40
C TYR A 426 7.62 -19.99 9.88
N ALA A 427 6.60 -19.63 9.11
CA ALA A 427 6.74 -19.69 7.66
C ALA A 427 6.39 -18.40 6.93
N PHE A 428 7.14 -18.12 5.84
CA PHE A 428 6.92 -17.03 4.94
C PHE A 428 6.56 -17.63 3.60
N LEU A 429 5.29 -17.45 3.14
CA LEU A 429 4.85 -17.92 1.83
C LEU A 429 4.86 -16.77 0.85
N LEU A 430 5.54 -16.98 -0.30
CA LEU A 430 5.62 -16.07 -1.44
C LEU A 430 5.10 -16.87 -2.63
N ASP A 431 4.75 -16.19 -3.73
CA ASP A 431 4.27 -16.86 -4.97
C ASP A 431 5.03 -18.12 -5.38
N LYS A 432 6.38 -18.02 -5.38
CA LYS A 432 7.31 -19.04 -5.90
C LYS A 432 8.04 -19.85 -4.85
N ALA A 433 7.92 -19.48 -3.57
CA ALA A 433 8.65 -20.17 -2.53
C ALA A 433 8.04 -20.09 -1.17
N LEU A 434 8.26 -21.16 -0.37
CA LEU A 434 7.87 -21.29 1.01
C LEU A 434 9.18 -21.32 1.84
N LEU A 435 9.28 -20.47 2.85
CA LEU A 435 10.47 -20.36 3.70
C LEU A 435 10.17 -20.88 5.11
N ILE A 436 10.61 -22.13 5.42
CA ILE A 436 10.45 -22.76 6.75
C ILE A 436 11.53 -22.19 7.68
N CYS A 437 11.11 -21.53 8.75
CA CYS A 437 11.98 -20.85 9.71
C CYS A 437 11.69 -21.23 11.15
N LYS A 438 12.58 -20.79 12.04
CA LYS A 438 12.49 -20.93 13.48
C LYS A 438 12.99 -19.58 13.98
N ARG A 439 12.17 -18.85 14.72
CA ARG A 439 12.62 -17.52 15.13
C ARG A 439 13.55 -17.53 16.34
N ARG A 440 14.59 -16.67 16.27
CA ARG A 440 15.56 -16.39 17.34
C ARG A 440 15.17 -14.99 17.81
N GLY A 441 14.24 -14.94 18.78
CA GLY A 441 13.68 -13.70 19.30
C GLY A 441 12.87 -12.98 18.24
N ASP A 442 13.49 -11.95 17.62
CA ASP A 442 12.89 -11.14 16.55
C ASP A 442 13.31 -11.62 15.16
N SER A 443 14.58 -12.07 14.98
CA SER A 443 15.07 -12.60 13.70
C SER A 443 14.53 -14.03 13.44
N TYR A 444 14.66 -14.52 12.21
CA TYR A 444 14.15 -15.81 11.80
C TYR A 444 15.26 -16.59 11.12
N ASP A 445 15.43 -17.87 11.52
CA ASP A 445 16.44 -18.76 10.96
C ASP A 445 15.85 -19.55 9.83
N LEU A 446 16.38 -19.41 8.61
CA LEU A 446 15.92 -20.24 7.51
C LEU A 446 16.41 -21.68 7.73
N LYS A 447 15.47 -22.58 8.01
CA LYS A 447 15.74 -24.01 8.21
C LYS A 447 15.55 -24.82 6.91
N ASP A 448 14.61 -24.39 6.04
CA ASP A 448 14.31 -25.07 4.79
C ASP A 448 13.70 -24.10 3.76
N PHE A 449 14.30 -24.03 2.57
CA PHE A 449 13.80 -23.19 1.49
C PHE A 449 13.09 -24.09 0.49
N VAL A 450 11.76 -24.14 0.57
CA VAL A 450 10.93 -24.96 -0.31
C VAL A 450 10.60 -24.19 -1.61
N ASN A 451 11.09 -24.68 -2.77
CA ASN A 451 10.80 -24.14 -4.10
C ASN A 451 9.45 -24.72 -4.49
N LEU A 452 8.44 -23.87 -4.63
CA LEU A 452 7.09 -24.36 -4.87
C LEU A 452 6.82 -24.85 -6.29
N HIS A 453 7.77 -24.71 -7.20
CA HIS A 453 7.64 -25.19 -8.58
C HIS A 453 7.33 -26.71 -8.65
N SER A 454 8.04 -27.51 -7.85
CA SER A 454 7.84 -28.96 -7.84
C SER A 454 6.75 -29.45 -6.86
N PHE A 455 6.18 -28.55 -6.03
CA PHE A 455 5.17 -28.97 -5.05
C PHE A 455 3.72 -28.66 -5.46
N GLN A 456 2.78 -29.42 -4.87
CA GLN A 456 1.34 -29.37 -5.09
C GLN A 456 0.61 -29.57 -3.77
N VAL A 457 -0.54 -28.87 -3.61
CA VAL A 457 -1.36 -28.88 -2.40
C VAL A 457 -2.39 -30.03 -2.42
N ARG A 458 -2.42 -30.85 -1.35
CA ARG A 458 -3.42 -31.92 -1.19
C ARG A 458 -4.04 -31.88 0.21
N ASP A 459 -5.37 -31.66 0.28
CA ASP A 459 -6.09 -31.60 1.55
C ASP A 459 -6.71 -32.94 1.90
N ASP A 460 -6.58 -33.31 3.19
CA ASP A 460 -7.16 -34.51 3.77
C ASP A 460 -8.04 -34.10 4.98
N SER A 461 -9.37 -34.27 4.79
CA SER A 461 -10.49 -33.95 5.69
C SER A 461 -10.35 -34.43 7.16
N SER A 462 -9.78 -35.65 7.38
CA SER A 462 -9.59 -36.26 8.71
C SER A 462 -8.61 -35.46 9.59
N ASP A 466 -11.17 -34.03 14.35
CA ASP A 466 -11.23 -32.62 13.99
C ASP A 466 -11.49 -31.72 15.21
N ASN A 467 -11.50 -30.38 14.99
CA ASN A 467 -11.75 -29.28 15.93
C ASN A 467 -10.99 -29.42 17.28
N LYS A 468 -9.74 -29.85 17.18
CA LYS A 468 -8.76 -29.98 18.25
C LYS A 468 -7.61 -29.09 17.81
N LYS A 469 -7.05 -28.29 18.74
CA LYS A 469 -5.94 -27.39 18.45
C LYS A 469 -4.80 -28.11 17.74
N TRP A 470 -4.48 -27.62 16.53
CA TRP A 470 -3.39 -28.11 15.65
C TRP A 470 -3.70 -29.44 14.95
N SER A 471 -4.97 -29.77 14.78
CA SER A 471 -5.38 -31.00 14.09
C SER A 471 -5.80 -30.69 12.64
N HIS A 472 -5.82 -29.39 12.27
CA HIS A 472 -6.19 -28.92 10.93
C HIS A 472 -4.95 -28.94 10.03
N MET A 473 -4.96 -29.88 9.06
CA MET A 473 -3.83 -30.17 8.18
C MET A 473 -4.15 -30.41 6.70
N PHE A 474 -3.24 -29.95 5.85
CA PHE A 474 -3.16 -30.23 4.42
C PHE A 474 -1.68 -30.60 4.13
N LEU A 475 -1.41 -31.11 2.91
CA LEU A 475 -0.08 -31.55 2.56
C LEU A 475 0.52 -30.81 1.39
N LEU A 476 1.86 -30.73 1.44
CA LEU A 476 2.69 -30.20 0.37
C LEU A 476 3.46 -31.40 -0.16
N ILE A 477 3.03 -31.89 -1.32
CA ILE A 477 3.63 -33.07 -1.92
C ILE A 477 4.37 -32.74 -3.22
N GLU A 478 5.55 -33.34 -3.39
CA GLU A 478 6.38 -33.13 -4.59
C GLU A 478 5.91 -33.94 -5.80
N ASP A 479 6.08 -33.38 -7.02
CA ASP A 479 5.68 -33.98 -8.30
C ASP A 479 6.39 -35.29 -8.62
N GLN A 480 7.59 -35.50 -8.05
CA GLN A 480 8.41 -36.70 -8.19
C GLN A 480 8.06 -37.68 -7.05
N GLY A 481 7.26 -37.22 -6.09
CA GLY A 481 6.88 -37.96 -4.90
C GLY A 481 8.06 -38.10 -3.95
N ALA A 482 9.10 -37.28 -4.19
CA ALA A 482 10.40 -37.24 -3.52
C ALA A 482 10.34 -36.90 -2.03
N GLN A 483 9.78 -35.72 -1.71
CA GLN A 483 9.67 -35.22 -0.34
C GLN A 483 8.28 -34.67 -0.11
N GLY A 484 7.87 -34.64 1.15
CA GLY A 484 6.57 -34.13 1.55
C GLY A 484 6.56 -33.37 2.85
N TYR A 485 5.47 -32.63 3.07
CA TYR A 485 5.24 -31.86 4.29
C TYR A 485 3.79 -31.92 4.68
N GLU A 486 3.54 -32.12 5.98
CA GLU A 486 2.22 -32.09 6.60
C GLU A 486 2.23 -30.76 7.32
N LEU A 487 1.29 -29.88 6.93
CA LEU A 487 1.16 -28.53 7.48
C LEU A 487 -0.01 -28.45 8.46
N PHE A 488 0.29 -28.20 9.74
CA PHE A 488 -0.68 -28.12 10.82
C PHE A 488 -0.91 -26.69 11.28
N PHE A 489 -2.19 -26.34 11.49
CA PHE A 489 -2.64 -25.00 11.89
C PHE A 489 -3.55 -25.07 13.10
N LYS A 490 -3.46 -24.06 13.98
CA LYS A 490 -4.22 -23.95 15.22
C LYS A 490 -5.75 -24.16 14.99
N THR A 491 -6.38 -23.24 14.25
CA THR A 491 -7.82 -23.31 13.96
C THR A 491 -8.08 -23.73 12.53
N ARG A 492 -9.35 -24.07 12.23
CA ARG A 492 -9.84 -24.45 10.90
C ARG A 492 -9.79 -23.20 10.00
N GLU A 493 -9.89 -22.00 10.62
CA GLU A 493 -9.82 -20.73 9.93
C GLU A 493 -8.41 -20.45 9.39
N LEU A 494 -7.36 -20.80 10.18
CA LEU A 494 -5.96 -20.63 9.76
C LEU A 494 -5.58 -21.60 8.66
N LYS A 495 -6.14 -22.82 8.69
CA LYS A 495 -5.89 -23.80 7.64
C LYS A 495 -6.48 -23.24 6.33
N LYS A 496 -7.73 -22.72 6.40
CA LYS A 496 -8.48 -22.07 5.31
C LYS A 496 -7.67 -20.89 4.70
N LYS A 497 -7.12 -20.01 5.56
CA LYS A 497 -6.31 -18.85 5.16
C LYS A 497 -5.06 -19.31 4.38
N TRP A 498 -4.24 -20.21 4.99
CA TRP A 498 -3.02 -20.77 4.41
C TRP A 498 -3.20 -21.60 3.18
N MET A 499 -4.22 -22.45 3.14
CA MET A 499 -4.47 -23.27 1.96
C MET A 499 -4.91 -22.42 0.77
N GLU A 500 -5.68 -21.35 0.99
CA GLU A 500 -6.10 -20.44 -0.08
C GLU A 500 -4.89 -19.72 -0.70
N GLN A 501 -3.93 -19.28 0.15
CA GLN A 501 -2.71 -18.59 -0.30
C GLN A 501 -1.76 -19.52 -1.05
N PHE A 502 -1.73 -20.83 -0.69
CA PHE A 502 -0.90 -21.82 -1.39
C PHE A 502 -1.49 -22.07 -2.74
N GLU A 503 -2.84 -22.13 -2.81
CA GLU A 503 -3.57 -22.30 -4.05
C GLU A 503 -3.31 -21.07 -4.93
N MET A 504 -3.37 -19.86 -4.35
CA MET A 504 -3.08 -18.62 -5.06
C MET A 504 -1.65 -18.60 -5.58
N ALA A 505 -0.67 -19.01 -4.75
CA ALA A 505 0.74 -19.05 -5.14
C ALA A 505 0.94 -19.98 -6.32
N ILE A 506 0.54 -21.29 -6.18
CA ILE A 506 0.63 -22.32 -7.23
C ILE A 506 -0.07 -21.87 -8.52
N SER A 507 -1.23 -21.20 -8.40
CA SER A 507 -1.98 -20.64 -9.52
C SER A 507 -1.15 -19.56 -10.25
N ASN A 508 -0.37 -18.73 -9.51
CA ASN A 508 0.48 -17.75 -10.18
C ASN A 508 1.69 -18.41 -10.89
N ILE A 509 2.22 -19.53 -10.35
CA ILE A 509 3.33 -20.30 -10.96
C ILE A 509 2.79 -20.93 -12.26
N TYR A 510 1.67 -21.65 -12.17
CA TYR A 510 1.05 -22.33 -13.31
C TYR A 510 -0.30 -21.74 -13.56
N PRO A 511 -0.37 -20.58 -14.22
CA PRO A 511 -1.69 -19.98 -14.47
C PRO A 511 -2.44 -20.68 -15.61
N GLU A 512 -3.75 -20.43 -15.69
CA GLU A 512 -4.64 -20.97 -16.72
C GLU A 512 -4.18 -20.46 -18.09
N ASN A 513 -3.84 -21.40 -18.99
CA ASN A 513 -3.40 -21.19 -20.38
C ASN A 513 -1.90 -20.88 -20.54
N ALA A 514 -1.11 -21.15 -19.48
CA ALA A 514 0.33 -20.91 -19.47
C ALA A 514 1.07 -21.73 -20.52
N THR A 515 0.58 -22.95 -20.75
CA THR A 515 1.22 -23.91 -21.65
C THR A 515 0.44 -24.06 -22.99
N ALA A 516 -0.64 -23.28 -23.16
CA ALA A 516 -1.48 -23.29 -24.36
C ALA A 516 -0.71 -22.79 -25.59
N ASN A 517 -1.05 -23.37 -26.78
CA ASN A 517 -0.55 -23.08 -28.13
C ASN A 517 0.99 -22.98 -28.27
N GLY A 518 1.69 -23.99 -27.74
CA GLY A 518 3.15 -24.09 -27.80
C GLY A 518 3.93 -23.22 -26.85
N HIS A 519 3.25 -22.29 -26.15
CA HIS A 519 3.86 -21.35 -25.21
C HIS A 519 4.32 -22.01 -23.91
N ASP A 520 5.32 -21.39 -23.28
CA ASP A 520 5.80 -21.77 -21.95
C ASP A 520 5.82 -20.44 -21.13
N PHE A 521 4.61 -19.97 -20.73
CA PHE A 521 4.43 -18.72 -19.97
C PHE A 521 4.81 -18.88 -18.53
N GLN A 522 5.78 -18.06 -18.09
CA GLN A 522 6.29 -18.08 -16.72
C GLN A 522 6.19 -16.68 -16.10
N MET A 523 6.07 -16.60 -14.76
CA MET A 523 6.05 -15.34 -14.00
C MET A 523 7.33 -14.57 -14.40
N PHE A 524 7.17 -13.31 -14.80
CA PHE A 524 8.27 -12.48 -15.27
C PHE A 524 8.17 -11.05 -14.77
N SER A 525 9.31 -10.48 -14.38
CA SER A 525 9.45 -9.13 -13.88
C SER A 525 10.17 -8.29 -14.93
N PHE A 526 9.36 -7.55 -15.72
CA PHE A 526 9.75 -6.66 -16.79
C PHE A 526 10.35 -5.38 -16.23
N GLU A 527 11.47 -4.96 -16.82
CA GLU A 527 12.24 -3.77 -16.45
C GLU A 527 12.14 -2.74 -17.53
N GLU A 528 11.61 -3.14 -18.68
CA GLU A 528 11.33 -2.25 -19.81
C GLU A 528 9.82 -2.23 -20.00
N THR A 529 9.31 -1.12 -20.56
CA THR A 529 7.90 -0.86 -20.85
C THR A 529 7.39 -1.87 -21.89
N THR A 530 6.59 -2.85 -21.44
CA THR A 530 6.01 -3.85 -22.31
C THR A 530 4.48 -3.80 -22.28
N SER A 531 3.87 -4.15 -23.41
CA SER A 531 2.43 -4.18 -23.60
C SER A 531 2.00 -5.62 -23.81
N CYS A 532 0.78 -5.95 -23.36
CA CYS A 532 0.18 -7.27 -23.48
C CYS A 532 -0.06 -7.59 -24.98
N LYS A 533 0.45 -8.75 -25.46
CA LYS A 533 0.29 -9.17 -26.86
C LYS A 533 -1.18 -9.51 -27.21
N ALA A 534 -2.04 -9.69 -26.17
CA ALA A 534 -3.45 -10.01 -26.29
C ALA A 534 -4.41 -8.80 -26.21
N CYS A 535 -4.34 -8.00 -25.12
CA CYS A 535 -5.26 -6.87 -24.93
C CYS A 535 -4.67 -5.49 -25.31
N GLN A 536 -3.38 -5.44 -25.77
CA GLN A 536 -2.64 -4.23 -26.20
C GLN A 536 -2.35 -3.21 -25.06
N MET A 537 -2.88 -3.47 -23.85
CA MET A 537 -2.73 -2.61 -22.67
C MET A 537 -1.39 -2.80 -21.95
N LEU A 538 -0.94 -1.76 -21.25
CA LEU A 538 0.33 -1.75 -20.52
C LEU A 538 0.37 -2.82 -19.43
N LEU A 539 1.54 -3.46 -19.28
CA LEU A 539 1.78 -4.40 -18.19
C LEU A 539 2.24 -3.50 -17.05
N ARG A 540 1.27 -2.95 -16.31
CA ARG A 540 1.42 -1.93 -15.28
C ARG A 540 2.26 -2.34 -14.04
N GLY A 541 3.16 -1.47 -13.62
CA GLY A 541 3.98 -1.72 -12.44
C GLY A 541 5.46 -1.93 -12.67
N THR A 542 6.18 -2.26 -11.60
CA THR A 542 7.63 -2.42 -11.66
C THR A 542 8.11 -3.81 -11.20
N PHE A 543 7.19 -4.69 -10.82
CA PHE A 543 7.53 -5.99 -10.24
C PHE A 543 6.50 -7.04 -10.65
N TYR A 544 6.98 -8.21 -11.17
CA TYR A 544 6.17 -9.34 -11.67
C TYR A 544 4.83 -8.87 -12.22
N GLN A 545 4.88 -8.02 -13.22
CA GLN A 545 3.70 -7.39 -13.84
C GLN A 545 2.84 -8.41 -14.57
N GLY A 546 3.44 -9.51 -14.99
CA GLY A 546 2.75 -10.58 -15.71
C GLY A 546 3.59 -11.76 -16.13
N TYR A 547 3.36 -12.21 -17.37
CA TYR A 547 3.98 -13.43 -17.89
C TYR A 547 4.73 -13.28 -19.15
N ARG A 548 5.74 -14.14 -19.35
CA ARG A 548 6.56 -14.15 -20.55
C ARG A 548 6.79 -15.57 -21.05
N CYS A 549 6.76 -15.75 -22.36
CA CYS A 549 7.06 -17.04 -22.97
C CYS A 549 8.50 -16.95 -23.44
N HIS A 550 9.40 -17.79 -22.89
CA HIS A 550 10.81 -17.77 -23.28
C HIS A 550 11.01 -18.15 -24.74
N ARG A 551 10.07 -18.95 -25.28
CA ARG A 551 10.10 -19.43 -26.65
C ARG A 551 9.87 -18.33 -27.70
N CYS A 552 8.76 -17.57 -27.62
CA CYS A 552 8.47 -16.51 -28.61
C CYS A 552 8.61 -15.08 -28.09
N ARG A 553 9.08 -14.90 -26.83
CA ARG A 553 9.26 -13.59 -26.19
C ARG A 553 7.92 -12.78 -26.06
N ALA A 554 6.76 -13.48 -26.02
CA ALA A 554 5.46 -12.84 -25.87
C ALA A 554 5.21 -12.52 -24.39
N SER A 555 4.67 -11.32 -24.11
CA SER A 555 4.39 -10.84 -22.78
C SER A 555 2.90 -10.61 -22.60
N ALA A 556 2.32 -11.14 -21.51
CA ALA A 556 0.89 -10.99 -21.27
C ALA A 556 0.54 -10.81 -19.80
N HIS A 557 -0.73 -10.39 -19.54
CA HIS A 557 -1.35 -10.30 -18.22
C HIS A 557 -1.81 -11.73 -17.88
N LYS A 558 -1.87 -12.11 -16.57
CA LYS A 558 -2.31 -13.43 -16.12
C LYS A 558 -3.64 -13.85 -16.76
N GLU A 559 -4.61 -12.94 -16.81
CA GLU A 559 -5.95 -13.16 -17.34
C GLU A 559 -6.03 -13.10 -18.86
N CYS A 560 -4.91 -12.85 -19.54
CA CYS A 560 -4.89 -12.69 -20.99
C CYS A 560 -4.23 -13.83 -21.77
N LEU A 561 -3.63 -14.82 -21.06
CA LEU A 561 -2.90 -15.94 -21.66
C LEU A 561 -3.70 -16.73 -22.73
N GLY A 562 -5.01 -16.86 -22.54
CA GLY A 562 -5.87 -17.52 -23.53
C GLY A 562 -5.92 -16.84 -24.89
N ARG A 563 -6.03 -15.49 -24.89
CA ARG A 563 -6.15 -14.61 -26.06
C ARG A 563 -4.80 -14.28 -26.77
N VAL A 564 -3.73 -15.07 -26.54
CA VAL A 564 -2.42 -14.82 -27.17
C VAL A 564 -2.20 -15.74 -28.40
N PRO A 565 -1.89 -15.17 -29.59
CA PRO A 565 -1.59 -16.01 -30.78
C PRO A 565 -0.53 -17.10 -30.57
N PRO A 566 -0.55 -18.23 -31.32
CA PRO A 566 0.39 -19.33 -31.05
C PRO A 566 1.88 -19.07 -31.16
N CYS A 567 2.66 -19.98 -30.54
CA CYS A 567 4.12 -20.02 -30.51
C CYS A 567 4.63 -20.73 -31.80
N GLY A 568 5.90 -20.49 -32.15
CA GLY A 568 6.55 -21.06 -33.33
C GLY A 568 7.61 -22.08 -33.02
C1 9JY B . 11.62 2.94 -18.50
C2 9JY B . 10.99 1.67 -15.06
C3 9JY B . 11.14 0.30 -14.38
O1 9JY B . 10.91 4.05 -16.27
O2 9JY B . 5.56 -2.42 -18.64
C11 9JY B . 5.06 3.37 -17.44
C12 9JY B . 3.41 3.06 -15.55
C13 9JY B . 3.18 1.94 -14.79
C14 9JY B . 4.77 1.36 -16.12
C15 9JY B . 2.81 4.40 -15.50
C16 9JY B . 2.65 5.06 -14.29
C17 9JY B . 1.95 6.26 -14.22
C18 9JY B . 1.41 6.84 -15.35
C19 9JY B . 0.65 8.14 -15.26
C20 9JY B . 1.59 6.20 -16.56
C21 9JY B . 2.29 5.00 -16.65
C22 9JY B . 9.25 0.76 -16.56
S 9JY B . 10.42 3.08 -17.20
O 9JY B . 9.13 3.25 -17.77
C 9JY B . 11.28 1.97 -19.60
N 9JY B . 10.42 1.64 -16.43
C5 9JY B . 9.45 -0.63 -15.98
C4 9JY B . 9.86 -0.50 -14.52
C6 9JY B . 8.28 -1.60 -16.16
C7 9JY B . 7.20 -1.35 -17.20
C8 9JY B . 6.60 -2.65 -17.70
N1 9JY B . 6.17 -0.49 -16.61
C9 9JY B . 5.83 0.77 -16.95
N3 9JY B . 4.44 2.68 -16.42
C10 9JY B . 6.02 2.75 -18.16
N2 9JY B . 6.42 1.46 -17.93
N4 9JY B . 4.01 0.91 -15.12
O1 MES C . 0.22 -8.75 -9.34
C2 MES C . 0.24 -9.15 -10.71
C3 MES C . 0.43 -7.98 -11.63
N4 MES C . -0.65 -6.98 -11.41
C5 MES C . -0.71 -6.59 -9.96
C6 MES C . -0.83 -7.82 -9.10
C7 MES C . -0.53 -5.77 -12.29
C8 MES C . -0.53 -6.02 -13.78
S MES C . -1.74 -5.01 -14.61
O1S MES C . -1.16 -4.70 -15.91
O2S MES C . -2.94 -5.81 -14.70
O3S MES C . -1.91 -3.82 -13.80
ZN ZN D . -3.56 -8.29 -21.43
ZN ZN E . 5.14 -18.49 -27.00
#